data_3EGA
#
_entry.id   3EGA
#
_cell.length_a   83.650
_cell.length_b   86.137
_cell.length_c   162.767
_cell.angle_alpha   90.000
_cell.angle_beta   90.000
_cell.angle_gamma   90.000
#
_symmetry.space_group_name_H-M   'F 2 2 2'
#
loop_
_entity.id
_entity.type
_entity.pdbx_description
1 polymer 'Protein pellino homolog 2'
2 non-polymer 'SULFATE ION'
3 water water
#
_entity_poly.entity_id   1
_entity_poly.type   'polypeptide(L)'
_entity_poly.pdbx_seq_one_letter_code
;GSEPVKYGELVVLGYNGALPNGDRGRRKSRFALYKRPKANGVKPSTVH(MSE)ISTPQASKAISCKGQHSISYTLSRNQT
VVVEYTHDKDTD(MSE)FQVGRSTESPIDFVVTDTISGSQNTDEAQITQSTISRFACRIVCDRNEPYTARIFAAGFDSSK
NIFLGEKAAKWKNPDGH(MSE)DGLTTNGVLV(MSE)HPRGGFTEESQPGVWREISVCGDVYTLRETRSAQQRGK(MSE)
VESETNVLQDGSLIDLCGATLLWRTADGLFHTPTQKHIEALRQ
;
_entity_poly.pdbx_strand_id   A
#
loop_
_chem_comp.id
_chem_comp.type
_chem_comp.name
_chem_comp.formula
SO4 non-polymer 'SULFATE ION' 'O4 S -2'
#
# COMPACT_ATOMS: atom_id res chain seq x y z
N GLU A 3 11.35 -9.68 21.92
CA GLU A 3 11.75 -8.30 22.35
C GLU A 3 13.27 -8.15 22.23
N PRO A 4 13.81 -8.05 21.00
CA PRO A 4 13.35 -7.52 19.70
C PRO A 4 11.83 -7.53 19.55
N VAL A 5 11.21 -6.36 19.62
CA VAL A 5 9.75 -6.26 19.62
C VAL A 5 9.18 -6.86 18.32
N LYS A 6 8.30 -7.84 18.46
CA LYS A 6 7.58 -8.42 17.33
C LYS A 6 6.23 -7.70 17.18
N TYR A 7 6.00 -7.11 16.00
CA TYR A 7 4.75 -6.41 15.70
C TYR A 7 3.60 -7.38 15.38
N GLY A 8 3.95 -8.47 14.71
CA GLY A 8 2.98 -9.42 14.22
C GLY A 8 3.53 -10.29 13.11
N GLU A 9 2.64 -10.99 12.43
CA GLU A 9 2.99 -12.00 11.46
C GLU A 9 2.02 -11.98 10.30
N LEU A 10 2.55 -12.07 9.07
CA LEU A 10 1.76 -12.28 7.87
C LEU A 10 1.87 -13.71 7.42
N VAL A 11 0.73 -14.29 7.12
CA VAL A 11 0.69 -15.66 6.63
C VAL A 11 0.01 -15.69 5.27
N VAL A 12 0.65 -16.37 4.33
CA VAL A 12 0.09 -16.55 2.99
C VAL A 12 -0.89 -17.71 3.04
N LEU A 13 -2.15 -17.44 2.75
CA LEU A 13 -3.15 -18.51 2.75
C LEU A 13 -3.11 -19.30 1.44
N GLY A 14 -3.24 -20.61 1.53
CA GLY A 14 -3.08 -21.48 0.36
C GLY A 14 -1.66 -21.65 -0.18
N TYR A 15 -0.67 -21.40 0.67
CA TYR A 15 0.75 -21.75 0.46
C TYR A 15 1.65 -20.56 0.24
N ARG A 26 12.60 -12.29 0.73
CA ARG A 26 12.45 -13.74 0.91
C ARG A 26 11.01 -14.23 0.65
N ARG A 27 10.92 -15.40 -0.01
CA ARG A 27 9.64 -15.99 -0.43
C ARG A 27 9.27 -17.24 0.37
N LYS A 28 8.39 -17.03 1.35
CA LYS A 28 8.01 -18.05 2.30
C LYS A 28 6.50 -18.01 2.52
N SER A 29 5.98 -18.98 3.24
CA SER A 29 4.56 -18.99 3.55
C SER A 29 4.21 -18.06 4.73
N ARG A 30 5.22 -17.54 5.41
CA ARG A 30 5.05 -16.88 6.70
C ARG A 30 6.09 -15.76 6.85
N PHE A 31 5.68 -14.60 7.34
CA PHE A 31 6.61 -13.47 7.51
C PHE A 31 6.42 -12.74 8.85
N ALA A 32 7.46 -12.77 9.67
CA ALA A 32 7.44 -12.10 10.97
C ALA A 32 7.91 -10.66 10.83
N LEU A 33 7.13 -9.72 11.35
CA LEU A 33 7.50 -8.30 11.34
C LEU A 33 8.09 -7.87 12.70
N TYR A 34 9.35 -7.45 12.70
CA TYR A 34 10.02 -7.04 13.94
C TYR A 34 10.43 -5.60 13.90
N LYS A 35 10.40 -4.95 15.07
CA LYS A 35 10.89 -3.60 15.20
C LYS A 35 12.32 -3.51 14.66
N ARG A 36 12.55 -2.58 13.74
CA ARG A 36 13.85 -2.45 13.10
C ARG A 36 14.91 -1.80 14.00
N PRO A 37 16.21 -2.13 13.78
CA PRO A 37 17.28 -1.36 14.47
C PRO A 37 17.14 0.17 14.35
N LYS A 38 16.75 0.66 13.16
CA LYS A 38 16.60 2.08 12.90
C LYS A 38 15.27 2.29 12.20
N ALA A 39 14.52 3.31 12.59
CA ALA A 39 13.21 3.57 11.99
C ALA A 39 13.39 3.76 10.48
N ASN A 40 12.51 3.16 9.68
CA ASN A 40 12.51 3.39 8.22
C ASN A 40 11.19 3.94 7.71
N GLY A 41 10.32 4.34 8.64
CA GLY A 41 8.98 4.82 8.29
C GLY A 41 9.01 6.12 7.51
N VAL A 42 7.92 6.40 6.79
CA VAL A 42 7.83 7.66 6.04
C VAL A 42 6.47 8.33 6.27
N LYS A 43 6.45 9.64 6.10
CA LYS A 43 5.22 10.43 6.24
C LYS A 43 5.10 11.45 5.12
N PRO A 44 3.85 11.80 4.72
CA PRO A 44 3.67 12.82 3.67
C PRO A 44 4.22 14.19 4.05
N SER A 45 4.84 14.85 3.08
CA SER A 45 5.52 16.12 3.26
C SER A 45 5.20 17.01 2.04
N THR A 46 6.19 17.73 1.53
CA THR A 46 5.96 18.82 0.57
C THR A 46 5.34 18.30 -0.73
N VAL A 47 4.38 19.07 -1.26
CA VAL A 47 3.71 18.72 -2.52
C VAL A 47 4.29 19.58 -3.64
N HIS A 48 4.63 18.95 -4.77
CA HIS A 48 5.23 19.64 -5.91
C HIS A 48 4.43 19.40 -7.19
N MSE A 49 4.34 20.42 -8.02
CA MSE A 49 3.78 20.26 -9.34
C MSE A 49 4.96 20.17 -10.27
O MSE A 49 5.79 21.09 -10.31
CB MSE A 49 2.91 21.47 -9.69
CG MSE A 49 2.45 21.45 -11.14
SE MSE A 49 1.19 19.98 -11.38
CE MSE A 49 -0.43 21.01 -11.38
N ILE A 50 5.09 19.07 -11.00
CA ILE A 50 6.26 18.85 -11.86
CA ILE A 50 6.24 18.94 -11.88
C ILE A 50 5.86 18.71 -13.33
N SER A 51 6.66 19.33 -14.23
CA SER A 51 6.49 19.13 -15.67
C SER A 51 7.27 17.90 -16.12
N THR A 52 6.59 17.04 -16.88
CA THR A 52 7.18 15.78 -17.34
C THR A 52 7.34 15.71 -18.87
N PRO A 53 8.52 15.24 -19.35
CA PRO A 53 8.66 15.03 -20.80
C PRO A 53 7.79 13.86 -21.25
N GLN A 54 7.42 13.86 -22.52
CA GLN A 54 6.61 12.74 -23.05
C GLN A 54 7.25 11.38 -22.75
N ALA A 55 8.58 11.36 -22.71
CA ALA A 55 9.29 10.10 -22.57
C ALA A 55 9.54 9.67 -21.09
N SER A 56 9.01 10.41 -20.12
CA SER A 56 9.28 10.13 -18.69
C SER A 56 8.91 8.69 -18.32
N LYS A 57 9.87 8.01 -17.69
CA LYS A 57 9.71 6.60 -17.23
C LYS A 57 9.82 6.45 -15.71
N ALA A 58 10.49 7.38 -15.05
CA ALA A 58 10.60 7.35 -13.58
C ALA A 58 10.79 8.75 -13.04
N ILE A 59 10.25 8.98 -11.84
CA ILE A 59 10.45 10.22 -11.10
C ILE A 59 11.03 9.86 -9.74
N SER A 60 11.96 10.67 -9.26
CA SER A 60 12.61 10.44 -7.98
C SER A 60 12.88 11.76 -7.26
N CYS A 61 12.65 11.77 -5.96
CA CYS A 61 12.96 12.92 -5.12
CA CYS A 61 12.94 12.91 -5.10
C CYS A 61 14.26 12.64 -4.38
N LYS A 62 15.29 13.42 -4.71
CA LYS A 62 16.62 13.21 -4.12
C LYS A 62 16.57 13.00 -2.61
N GLY A 63 17.00 11.82 -2.18
CA GLY A 63 17.13 11.51 -0.76
C GLY A 63 15.85 11.16 -0.05
N GLN A 64 14.72 11.19 -0.78
CA GLN A 64 13.38 11.00 -0.18
C GLN A 64 12.51 10.01 -0.95
N HIS A 65 11.43 9.59 -0.30
CA HIS A 65 10.41 8.75 -0.93
C HIS A 65 9.40 9.70 -1.57
N SER A 66 8.58 9.21 -2.48
CA SER A 66 7.61 10.14 -3.12
C SER A 66 6.44 9.36 -3.67
N ILE A 67 5.28 10.01 -3.80
CA ILE A 67 4.17 9.40 -4.57
C ILE A 67 3.85 10.35 -5.73
N SER A 68 3.76 9.79 -6.93
CA SER A 68 3.49 10.54 -8.19
C SER A 68 2.05 10.35 -8.61
N TYR A 69 1.29 11.44 -8.62
CA TYR A 69 -0.09 11.42 -9.09
C TYR A 69 -0.10 12.05 -10.49
N THR A 70 -0.13 11.20 -11.52
CA THR A 70 -0.06 11.66 -12.92
C THR A 70 -1.39 12.38 -13.32
N LEU A 71 -1.30 13.66 -13.67
CA LEU A 71 -2.49 14.44 -14.06
C LEU A 71 -2.75 14.35 -15.57
N SER A 72 -1.65 14.29 -16.31
CA SER A 72 -1.66 14.23 -17.77
C SER A 72 -0.26 13.76 -18.17
N ARG A 73 -0.01 13.63 -19.49
CA ARG A 73 1.34 13.29 -19.91
C ARG A 73 2.30 14.47 -19.68
N ASN A 74 1.77 15.67 -19.36
CA ASN A 74 2.60 16.87 -19.19
C ASN A 74 2.91 17.24 -17.76
N GLN A 75 2.07 16.82 -16.82
CA GLN A 75 2.25 17.27 -15.43
C GLN A 75 1.88 16.18 -14.42
N THR A 76 2.67 16.13 -13.35
CA THR A 76 2.43 15.16 -12.28
C THR A 76 2.50 15.95 -10.98
N VAL A 77 1.58 15.64 -10.06
CA VAL A 77 1.72 16.08 -8.68
C VAL A 77 2.59 15.08 -7.94
N VAL A 78 3.70 15.56 -7.36
CA VAL A 78 4.62 14.72 -6.61
C VAL A 78 4.54 15.07 -5.14
N VAL A 79 4.11 14.09 -4.33
CA VAL A 79 4.04 14.28 -2.88
C VAL A 79 5.30 13.66 -2.30
N GLU A 80 6.15 14.51 -1.74
CA GLU A 80 7.37 14.08 -1.10
C GLU A 80 7.01 13.41 0.26
N TYR A 81 7.73 12.35 0.61
CA TYR A 81 7.54 11.60 1.86
C TYR A 81 8.86 11.50 2.61
N THR A 82 8.86 12.09 3.80
CA THR A 82 10.09 12.29 4.57
C THR A 82 10.19 11.25 5.72
N HIS A 83 11.36 11.21 6.38
CA HIS A 83 11.59 10.26 7.46
C HIS A 83 10.59 10.41 8.61
N ASP A 84 10.04 9.26 9.04
CA ASP A 84 9.20 9.17 10.21
C ASP A 84 9.91 8.32 11.27
N LYS A 85 10.45 9.01 12.29
CA LYS A 85 11.16 8.40 13.42
C LYS A 85 10.28 7.41 14.24
N ASP A 86 8.98 7.56 14.13
CA ASP A 86 8.03 6.79 14.94
C ASP A 86 7.48 5.51 14.33
N THR A 87 7.76 5.24 13.05
CA THR A 87 7.22 4.02 12.46
C THR A 87 8.26 3.20 11.72
N ASP A 88 7.90 1.92 11.52
CA ASP A 88 8.65 1.05 10.64
C ASP A 88 7.72 0.67 9.49
N MSE A 89 8.33 0.47 8.34
CA MSE A 89 7.57 0.13 7.15
C MSE A 89 8.08 -1.19 6.59
O MSE A 89 9.28 -1.45 6.61
CB MSE A 89 7.64 1.28 6.11
CG MSE A 89 7.06 0.88 4.76
SE MSE A 89 7.24 2.39 3.48
CE MSE A 89 9.17 2.71 3.62
N PHE A 90 7.15 -2.01 6.11
CA PHE A 90 7.44 -3.30 5.51
C PHE A 90 6.64 -3.38 4.22
N GLN A 91 7.26 -3.88 3.15
CA GLN A 91 6.60 -3.94 1.84
C GLN A 91 6.45 -5.35 1.32
N VAL A 92 5.29 -5.60 0.73
CA VAL A 92 4.94 -6.89 0.18
C VAL A 92 4.72 -6.69 -1.31
N GLY A 93 5.21 -7.63 -2.11
CA GLY A 93 5.03 -7.55 -3.57
C GLY A 93 5.57 -8.78 -4.26
N ARG A 94 5.28 -8.88 -5.56
CA ARG A 94 5.77 -9.98 -6.39
C ARG A 94 7.24 -9.72 -6.81
N SER A 95 7.66 -8.45 -6.74
CA SER A 95 9.07 -8.06 -7.05
C SER A 95 10.06 -8.64 -6.06
N THR A 96 11.21 -9.06 -6.58
CA THR A 96 12.28 -9.53 -5.70
C THR A 96 13.35 -8.45 -5.51
N GLU A 97 13.10 -7.25 -6.06
CA GLU A 97 13.96 -6.10 -5.78
C GLU A 97 14.06 -5.76 -4.29
N SER A 98 15.15 -5.08 -3.92
CA SER A 98 15.43 -4.82 -2.50
C SER A 98 14.32 -4.08 -1.68
N PRO A 99 13.50 -3.21 -2.31
CA PRO A 99 12.43 -2.61 -1.47
C PRO A 99 11.39 -3.59 -0.92
N ILE A 100 11.34 -4.82 -1.39
CA ILE A 100 10.32 -5.76 -0.97
C ILE A 100 10.90 -6.55 0.20
N ASP A 101 10.21 -6.49 1.33
CA ASP A 101 10.54 -7.29 2.51
C ASP A 101 10.04 -8.72 2.38
N PHE A 102 8.81 -8.85 1.90
CA PHE A 102 8.16 -10.13 1.81
C PHE A 102 7.70 -10.35 0.38
N VAL A 103 8.32 -11.32 -0.29
CA VAL A 103 7.96 -11.70 -1.66
C VAL A 103 6.78 -12.66 -1.71
N VAL A 104 5.73 -12.27 -2.44
CA VAL A 104 4.53 -13.12 -2.57
CA VAL A 104 4.53 -13.10 -2.57
C VAL A 104 4.24 -13.35 -4.05
N THR A 105 3.86 -14.58 -4.39
CA THR A 105 3.43 -14.94 -5.76
C THR A 105 2.03 -15.53 -5.77
N ASP A 106 1.46 -15.68 -6.95
CA ASP A 106 0.05 -16.08 -7.07
C ASP A 106 -0.19 -17.46 -6.53
N THR A 107 -1.29 -17.60 -5.80
CA THR A 107 -1.65 -18.85 -5.14
C THR A 107 -2.21 -19.84 -6.15
N GLN A 118 1.60 -24.07 -19.41
CA GLN A 118 2.67 -23.52 -20.24
C GLN A 118 2.81 -22.01 -20.04
N ILE A 119 1.71 -21.29 -20.24
CA ILE A 119 1.73 -19.82 -20.09
C ILE A 119 1.02 -19.46 -18.81
N THR A 120 1.74 -18.77 -17.95
CA THR A 120 1.29 -18.40 -16.61
C THR A 120 1.04 -16.88 -16.60
N GLN A 121 0.08 -16.44 -15.80
CA GLN A 121 -0.07 -15.01 -15.59
C GLN A 121 -0.11 -14.66 -14.12
N SER A 122 0.41 -13.50 -13.78
CA SER A 122 0.31 -12.99 -12.43
C SER A 122 -0.59 -11.76 -12.42
N THR A 123 -1.33 -11.60 -11.32
CA THR A 123 -2.20 -10.44 -11.13
C THR A 123 -1.71 -9.62 -9.94
N ILE A 124 -0.64 -10.09 -9.29
CA ILE A 124 -0.06 -9.39 -8.14
C ILE A 124 0.87 -8.29 -8.60
N SER A 125 0.78 -7.11 -7.98
CA SER A 125 1.65 -5.97 -8.32
C SER A 125 3.09 -6.24 -7.88
N ARG A 126 4.04 -5.66 -8.62
CA ARG A 126 5.45 -5.72 -8.20
C ARG A 126 5.61 -5.20 -6.78
N PHE A 127 5.04 -4.04 -6.48
CA PHE A 127 5.09 -3.46 -5.13
C PHE A 127 3.64 -3.23 -4.66
N ALA A 128 3.10 -4.20 -3.91
CA ALA A 128 1.66 -4.34 -3.73
C ALA A 128 1.10 -3.55 -2.56
N CYS A 129 1.78 -3.59 -1.42
CA CYS A 129 1.32 -2.87 -0.25
C CYS A 129 2.41 -2.62 0.77
N ARG A 130 2.10 -1.73 1.71
CA ARG A 130 2.96 -1.43 2.85
C ARG A 130 2.20 -1.70 4.13
N ILE A 131 2.88 -2.34 5.08
CA ILE A 131 2.39 -2.48 6.43
C ILE A 131 3.28 -1.55 7.27
N VAL A 132 2.67 -0.60 7.98
CA VAL A 132 3.39 0.43 8.73
C VAL A 132 3.04 0.24 10.20
N CYS A 133 4.09 0.07 11.01
CA CYS A 133 3.93 -0.30 12.42
C CYS A 133 4.50 0.78 13.32
N ASP A 134 3.71 1.21 14.30
CA ASP A 134 4.19 2.11 15.35
C ASP A 134 5.35 1.45 16.11
N ARG A 135 6.44 2.20 16.27
CA ARG A 135 7.64 1.68 16.93
C ARG A 135 7.48 1.69 18.47
N ASN A 136 6.41 2.31 18.95
CA ASN A 136 6.15 2.41 20.37
C ASN A 136 4.79 1.81 20.71
N GLU A 137 4.61 1.42 21.97
CA GLU A 137 3.40 0.75 22.41
C GLU A 137 2.18 1.62 22.08
N PRO A 138 1.05 0.99 21.66
CA PRO A 138 0.83 -0.44 21.49
C PRO A 138 1.24 -1.04 20.13
N TYR A 139 2.10 -0.34 19.38
CA TYR A 139 2.67 -0.88 18.12
C TYR A 139 1.58 -1.22 17.10
N THR A 140 0.64 -0.31 16.95
CA THR A 140 -0.43 -0.45 15.97
C THR A 140 0.14 -0.69 14.57
N ALA A 141 -0.48 -1.59 13.83
CA ALA A 141 -0.09 -1.86 12.46
C ALA A 141 -1.20 -1.33 11.57
N ARG A 142 -0.78 -0.74 10.45
CA ARG A 142 -1.72 -0.19 9.49
C ARG A 142 -1.27 -0.54 8.07
N ILE A 143 -2.24 -0.66 7.18
CA ILE A 143 -1.96 -1.04 5.81
C ILE A 143 -2.23 0.09 4.82
N PHE A 144 -1.39 0.17 3.79
CA PHE A 144 -1.54 1.17 2.73
C PHE A 144 -1.39 0.46 1.38
N ALA A 145 -2.22 0.84 0.42
CA ALA A 145 -2.06 0.25 -0.92
C ALA A 145 -0.79 0.79 -1.60
N ALA A 146 -0.18 -0.07 -2.42
CA ALA A 146 1.05 0.24 -3.19
C ALA A 146 2.28 0.15 -2.32
N GLY A 147 3.42 -0.09 -2.98
CA GLY A 147 4.72 0.01 -2.29
C GLY A 147 5.66 0.86 -3.15
N PHE A 148 6.64 1.48 -2.47
CA PHE A 148 7.66 2.28 -3.14
C PHE A 148 8.65 1.39 -3.89
N ASP A 149 8.94 1.74 -5.14
CA ASP A 149 9.87 0.94 -5.95
C ASP A 149 11.36 1.32 -5.71
N SER A 150 12.26 0.91 -6.60
CA SER A 150 13.68 1.22 -6.39
CA SER A 150 13.68 1.21 -6.38
C SER A 150 14.03 2.71 -6.49
N SER A 151 13.14 3.51 -7.09
CA SER A 151 13.31 4.96 -7.11
C SER A 151 12.69 5.56 -5.85
N LYS A 152 12.24 4.70 -4.93
CA LYS A 152 11.55 5.09 -3.70
C LYS A 152 10.28 5.84 -4.06
N ASN A 153 9.65 5.42 -5.15
CA ASN A 153 8.48 6.10 -5.71
C ASN A 153 7.28 5.17 -5.90
N ILE A 154 6.09 5.73 -5.72
CA ILE A 154 4.86 5.06 -6.09
C ILE A 154 4.23 5.84 -7.24
N PHE A 155 4.00 5.15 -8.34
CA PHE A 155 3.46 5.78 -9.56
C PHE A 155 1.99 5.49 -9.72
N LEU A 156 1.18 6.54 -9.71
CA LEU A 156 -0.25 6.44 -10.04
CA LEU A 156 -0.23 6.44 -10.05
C LEU A 156 -0.47 7.11 -11.40
N GLY A 157 -0.73 6.27 -12.41
CA GLY A 157 -0.87 6.74 -13.79
C GLY A 157 -2.22 7.38 -14.07
N GLU A 158 -2.38 7.91 -15.28
CA GLU A 158 -3.55 8.70 -15.61
C GLU A 158 -4.84 7.95 -15.34
N LYS A 159 -4.80 6.64 -15.58
CA LYS A 159 -5.97 5.78 -15.43
C LYS A 159 -6.38 5.56 -13.97
N ALA A 160 -5.41 5.44 -13.07
CA ALA A 160 -5.66 5.23 -11.64
C ALA A 160 -6.61 6.31 -11.10
N ALA A 161 -7.55 5.91 -10.26
CA ALA A 161 -8.48 6.85 -9.64
C ALA A 161 -7.68 7.78 -8.70
N LYS A 162 -7.84 9.10 -8.84
CA LYS A 162 -7.21 10.04 -7.91
C LYS A 162 -8.13 11.22 -7.65
N TRP A 163 -8.10 11.73 -6.42
CA TRP A 163 -9.06 12.75 -5.98
C TRP A 163 -8.50 13.47 -4.76
N LYS A 164 -9.15 14.56 -4.38
CA LYS A 164 -8.80 15.25 -3.15
C LYS A 164 -9.80 14.85 -2.08
N ASN A 165 -9.27 14.44 -0.93
CA ASN A 165 -10.16 14.00 0.13
C ASN A 165 -10.66 15.21 0.96
N PRO A 166 -11.60 14.97 1.89
CA PRO A 166 -12.17 16.09 2.64
C PRO A 166 -11.11 16.93 3.38
N ASP A 167 -10.00 16.32 3.78
CA ASP A 167 -8.89 17.08 4.38
C ASP A 167 -8.01 17.85 3.38
N GLY A 168 -8.37 17.83 2.09
CA GLY A 168 -7.61 18.57 1.09
C GLY A 168 -6.36 17.90 0.56
N HIS A 169 -6.12 16.65 0.93
CA HIS A 169 -4.93 15.95 0.42
C HIS A 169 -5.29 15.07 -0.77
N MSE A 170 -4.33 14.91 -1.68
CA MSE A 170 -4.49 14.02 -2.83
C MSE A 170 -4.43 12.58 -2.35
O MSE A 170 -3.58 12.21 -1.52
CB MSE A 170 -3.36 14.25 -3.84
CG MSE A 170 -3.57 13.58 -5.18
SE MSE A 170 -4.99 14.43 -6.22
CE MSE A 170 -3.93 16.07 -6.68
N ASP A 171 -5.32 11.75 -2.88
CA ASP A 171 -5.27 10.31 -2.60
C ASP A 171 -5.55 9.56 -3.89
N GLY A 172 -5.33 8.25 -3.91
CA GLY A 172 -5.55 7.47 -5.11
C GLY A 172 -5.76 6.00 -4.81
N LEU A 173 -6.25 5.28 -5.81
CA LEU A 173 -6.26 3.80 -5.79
C LEU A 173 -5.26 3.26 -6.77
N THR A 174 -4.72 2.09 -6.45
CA THR A 174 -3.91 1.40 -7.44
C THR A 174 -4.84 0.83 -8.53
N THR A 175 -4.23 0.37 -9.62
CA THR A 175 -4.94 -0.20 -10.76
C THR A 175 -5.95 -1.30 -10.35
N ASN A 176 -5.47 -2.21 -9.51
CA ASN A 176 -6.28 -3.37 -9.12
C ASN A 176 -6.76 -3.34 -7.68
N GLY A 177 -6.09 -2.54 -6.85
CA GLY A 177 -6.52 -2.34 -5.48
C GLY A 177 -5.94 -3.31 -4.47
N VAL A 178 -5.98 -2.90 -3.22
CA VAL A 178 -5.62 -3.74 -2.10
C VAL A 178 -6.86 -3.80 -1.22
N LEU A 179 -7.28 -5.01 -0.83
CA LEU A 179 -8.55 -5.10 -0.12
C LEU A 179 -8.28 -5.68 1.26
N VAL A 180 -9.11 -5.31 2.22
CA VAL A 180 -8.94 -5.81 3.58
C VAL A 180 -10.31 -6.17 4.10
N MSE A 181 -10.35 -7.28 4.83
CA MSE A 181 -11.54 -7.63 5.59
C MSE A 181 -11.16 -7.89 7.06
O MSE A 181 -10.26 -8.69 7.36
CB MSE A 181 -12.20 -8.88 5.02
CG MSE A 181 -13.52 -9.20 5.69
SE MSE A 181 -14.09 -11.03 5.35
CE MSE A 181 -12.56 -12.00 6.01
N HIS A 182 -11.87 -7.21 7.96
CA HIS A 182 -11.80 -7.55 9.38
C HIS A 182 -12.98 -8.47 9.69
N PRO A 183 -12.73 -9.79 9.89
CA PRO A 183 -13.78 -10.77 10.22
C PRO A 183 -14.65 -10.44 11.46
N ARG A 184 -15.88 -10.95 11.45
CA ARG A 184 -16.87 -10.52 12.44
C ARG A 184 -17.08 -11.61 13.48
N GLU A 190 -25.58 -6.34 15.59
CA GLU A 190 -24.38 -7.19 15.73
C GLU A 190 -23.35 -7.01 14.57
N SER A 191 -23.64 -7.44 13.33
CA SER A 191 -24.83 -8.22 12.92
C SER A 191 -24.51 -9.14 11.73
N GLN A 192 -23.61 -8.70 10.85
CA GLN A 192 -23.36 -9.39 9.56
C GLN A 192 -21.92 -9.91 9.42
N PRO A 193 -21.65 -10.82 8.46
CA PRO A 193 -20.25 -11.26 8.46
C PRO A 193 -19.36 -10.17 7.84
N GLY A 194 -18.04 -10.31 8.02
CA GLY A 194 -17.06 -9.31 7.57
C GLY A 194 -17.29 -8.93 6.12
N VAL A 195 -16.91 -7.68 5.77
CA VAL A 195 -17.06 -7.15 4.41
CA VAL A 195 -17.03 -7.22 4.39
C VAL A 195 -15.67 -6.73 3.90
N TRP A 196 -15.39 -6.99 2.64
CA TRP A 196 -14.13 -6.54 2.05
C TRP A 196 -14.24 -5.04 1.81
N ARG A 197 -13.17 -4.31 2.11
CA ARG A 197 -13.09 -2.89 1.77
C ARG A 197 -11.83 -2.66 0.92
N GLU A 198 -11.85 -1.62 0.11
CA GLU A 198 -10.59 -1.20 -0.56
C GLU A 198 -9.86 -0.14 0.25
N ILE A 199 -8.55 -0.30 0.35
CA ILE A 199 -7.68 0.63 1.01
C ILE A 199 -6.99 1.49 -0.07
N SER A 200 -6.91 2.80 0.19
CA SER A 200 -6.27 3.69 -0.75
C SER A 200 -4.76 3.76 -0.49
N VAL A 201 -4.05 4.48 -1.35
CA VAL A 201 -2.63 4.70 -1.22
CA VAL A 201 -2.61 4.62 -1.15
C VAL A 201 -2.25 5.46 0.09
N CYS A 202 -3.14 6.36 0.54
CA CYS A 202 -2.94 7.11 1.80
C CYS A 202 -3.64 6.49 3.01
N GLY A 203 -4.12 5.26 2.84
CA GLY A 203 -4.70 4.45 3.90
C GLY A 203 -6.13 4.76 4.33
N ASP A 204 -6.91 5.41 3.46
CA ASP A 204 -8.35 5.54 3.75
C ASP A 204 -9.15 4.33 3.24
N VAL A 205 -10.37 4.18 3.73
CA VAL A 205 -11.19 2.99 3.47
C VAL A 205 -12.36 3.34 2.58
N TYR A 206 -12.52 2.53 1.53
CA TYR A 206 -13.58 2.69 0.55
C TYR A 206 -14.35 1.41 0.36
N THR A 207 -15.63 1.53 0.04
CA THR A 207 -16.37 0.35 -0.41
C THR A 207 -15.77 -0.25 -1.68
N LEU A 208 -16.06 -1.53 -1.93
CA LEU A 208 -15.57 -2.19 -3.17
C LEU A 208 -16.06 -1.47 -4.41
N ARG A 209 -15.21 -1.45 -5.44
CA ARG A 209 -15.66 -0.98 -6.75
C ARG A 209 -16.71 -1.95 -7.29
N GLU A 210 -17.43 -1.53 -8.33
CA GLU A 210 -18.48 -2.37 -8.95
C GLU A 210 -17.94 -3.68 -9.53
N THR A 211 -16.70 -3.62 -10.02
CA THR A 211 -15.94 -4.79 -10.50
CA THR A 211 -15.98 -4.80 -10.45
C THR A 211 -14.49 -4.63 -10.07
N ARG A 212 -13.75 -5.73 -9.89
CA ARG A 212 -12.33 -5.60 -9.58
C ARG A 212 -11.71 -4.90 -10.80
N SER A 213 -10.80 -3.98 -10.54
CA SER A 213 -10.07 -3.23 -11.62
C SER A 213 -10.91 -2.18 -12.38
N ALA A 214 -12.16 -2.00 -11.97
CA ALA A 214 -13.02 -0.94 -12.53
C ALA A 214 -12.32 0.39 -12.45
N GLN A 215 -12.45 1.18 -13.52
CA GLN A 215 -11.98 2.58 -13.51
C GLN A 215 -12.98 3.46 -12.76
N GLN A 216 -13.09 3.22 -11.46
CA GLN A 216 -14.16 3.81 -10.67
C GLN A 216 -13.77 3.63 -9.19
N ARG A 217 -13.98 4.66 -8.37
CA ARG A 217 -13.66 4.57 -6.97
C ARG A 217 -14.95 4.35 -6.19
N GLY A 218 -14.87 3.56 -5.12
CA GLY A 218 -16.00 3.28 -4.23
C GLY A 218 -16.35 4.44 -3.33
N LYS A 219 -17.22 4.17 -2.35
CA LYS A 219 -17.73 5.20 -1.44
C LYS A 219 -16.83 5.25 -0.22
N MSE A 220 -16.47 6.44 0.20
CA MSE A 220 -15.68 6.58 1.40
C MSE A 220 -16.36 5.97 2.63
O MSE A 220 -17.53 6.24 2.89
CB MSE A 220 -15.50 8.05 1.68
CG MSE A 220 -15.20 8.18 3.14
SE MSE A 220 -13.32 8.12 3.16
CE MSE A 220 -13.40 10.05 2.93
N VAL A 221 -15.63 5.19 3.42
CA VAL A 221 -16.17 4.65 4.66
C VAL A 221 -15.48 5.40 5.81
N GLU A 222 -16.10 6.47 6.29
CA GLU A 222 -15.41 7.32 7.26
C GLU A 222 -15.30 6.69 8.66
N SER A 223 -16.17 5.73 8.93
CA SER A 223 -16.20 5.09 10.25
C SER A 223 -15.24 3.91 10.40
N GLU A 224 -14.49 3.58 9.35
CA GLU A 224 -13.57 2.45 9.40
C GLU A 224 -12.15 2.93 9.06
N THR A 225 -11.14 2.16 9.46
CA THR A 225 -9.75 2.62 9.32
C THR A 225 -8.88 1.51 8.70
N ASN A 226 -7.65 1.88 8.36
CA ASN A 226 -6.66 0.91 7.86
C ASN A 226 -5.86 0.23 8.97
N VAL A 227 -6.27 0.38 10.24
CA VAL A 227 -5.63 -0.37 11.31
C VAL A 227 -5.91 -1.85 11.13
N LEU A 228 -4.84 -2.64 11.09
CA LEU A 228 -4.95 -4.07 11.01
C LEU A 228 -5.26 -4.68 12.38
N GLN A 229 -6.37 -5.41 12.47
CA GLN A 229 -6.72 -6.15 13.69
C GLN A 229 -6.29 -7.60 13.60
N ASP A 230 -6.13 -8.26 14.75
CA ASP A 230 -5.83 -9.70 14.69
C ASP A 230 -6.84 -10.41 13.83
N GLY A 231 -6.36 -11.23 12.89
CA GLY A 231 -7.23 -11.95 11.98
C GLY A 231 -7.69 -11.22 10.71
N SER A 232 -7.18 -10.02 10.47
CA SER A 232 -7.51 -9.28 9.24
C SER A 232 -7.01 -10.03 8.00
N LEU A 233 -7.83 -10.07 6.95
CA LEU A 233 -7.38 -10.64 5.69
C LEU A 233 -7.01 -9.51 4.73
N ILE A 234 -5.96 -9.72 3.96
CA ILE A 234 -5.47 -8.72 2.99
C ILE A 234 -5.45 -9.37 1.63
N ASP A 235 -6.24 -8.85 0.70
CA ASP A 235 -6.31 -9.44 -0.61
C ASP A 235 -5.41 -8.64 -1.54
N LEU A 236 -4.37 -9.30 -2.07
CA LEU A 236 -3.42 -8.62 -2.96
C LEU A 236 -3.63 -8.96 -4.42
N CYS A 237 -4.84 -9.38 -4.76
CA CYS A 237 -5.19 -9.63 -6.16
C CYS A 237 -4.31 -10.77 -6.72
N GLY A 238 -4.53 -11.98 -6.24
CA GLY A 238 -3.66 -13.11 -6.63
C GLY A 238 -3.18 -13.93 -5.45
N ALA A 239 -3.12 -13.30 -4.28
CA ALA A 239 -2.84 -13.98 -3.02
C ALA A 239 -3.62 -13.30 -1.89
N THR A 240 -4.00 -14.08 -0.87
CA THR A 240 -4.62 -13.52 0.33
C THR A 240 -3.70 -13.81 1.51
N LEU A 241 -3.44 -12.77 2.31
CA LEU A 241 -2.61 -12.85 3.51
C LEU A 241 -3.49 -12.72 4.74
N LEU A 242 -3.06 -13.33 5.83
CA LEU A 242 -3.69 -13.18 7.12
C LEU A 242 -2.71 -12.48 8.04
N TRP A 243 -3.19 -11.43 8.71
CA TRP A 243 -2.40 -10.72 9.72
C TRP A 243 -2.76 -11.26 11.08
N ARG A 244 -1.72 -11.52 11.88
CA ARG A 244 -1.89 -11.95 13.26
C ARG A 244 -1.07 -11.03 14.14
N THR A 245 -1.72 -10.35 15.09
CA THR A 245 -1.01 -9.51 16.06
C THR A 245 -0.12 -10.42 16.92
N ALA A 246 1.07 -9.93 17.30
CA ALA A 246 1.95 -10.70 18.19
C ALA A 246 1.38 -10.75 19.62
S SO4 B . -15.71 11.96 -1.50
O1 SO4 B . -16.15 11.10 -0.41
O2 SO4 B . -14.25 11.92 -1.60
O3 SO4 B . -16.31 11.51 -2.74
O4 SO4 B . -16.17 13.32 -1.22
#